data_7BE4
#
_entry.id   7BE4
#
_cell.length_a   66.460
_cell.length_b   75.240
_cell.length_c   78.190
_cell.angle_alpha   90.000
_cell.angle_beta   90.000
_cell.angle_gamma   90.000
#
_symmetry.space_group_name_H-M   'P 21 21 21'
#
loop_
_entity.id
_entity.type
_entity.pdbx_description
1 polymer 'Mitogen-activated protein kinase 14'
2 non-polymer 5-azanyl-~{N}-[[4-[[(2~{S})-4-cyclohexyl-1-[[(3~{R})-1-methylsulfonylpiperidin-3-yl]amino]-1-oxidanylidene-butan-2-yl]carbamoyl]phenyl]methyl]-1-phenyl-pyrazole-4-carboxamide
3 water water
#
_entity_poly.entity_id   1
_entity_poly.type   'polypeptide(L)'
_entity_poly.pdbx_seq_one_letter_code
;GMSQERPTFYRQELNKTIWEVPERYQNLSPVGSGAYGSVCAAFDTKTGHRVAVKKLSRPFQSIIHAKRTYRELRLLKHMK
HENVIGLLDVFTPARSLEEFNDVYLVTHLMGADLNNIVKCQKLTDDHVQFLIYQILRGLKYIHSADIIHRDLKPSNLAVN
EDCELKILDFGLARHTDDEMTGYVATRWYRAPEIMLNWMHYNQTVDIWSVGCIMAELLTGRTLFPGTDHIDQLKLILRLV
GTPGAELLKKISSESARNYIQSLAQMPKMNFANVFIGANPLAVDLLEKMLVLDSDKRITAAQALAHAYFAQYHDPDDEPV
ADPYDQSFESRDLLIDEWKSLTYDEVISFVPPPLDQEEMES
;
_entity_poly.pdbx_strand_id   A
#
loop_
_chem_comp.id
_chem_comp.type
_chem_comp.name
_chem_comp.formula
TK5 non-polymer 5-azanyl-~{N}-[[4-[[(2~{S})-4-cyclohexyl-1-[[(3~{R})-1-methylsulfonylpiperidin-3-yl]amino]-1-oxidanylidene-butan-2-yl]carbamoyl]phenyl]methyl]-1-phenyl-pyrazole-4-carboxamide 'C34 H45 N7 O5 S'
#
# COMPACT_ATOMS: atom_id res chain seq x y z
N GLU A 5 14.33 14.20 28.20
CA GLU A 5 13.95 15.60 27.99
C GLU A 5 12.62 15.67 27.23
N ARG A 6 11.54 15.40 27.94
CA ARG A 6 10.21 15.32 27.32
C ARG A 6 9.72 16.70 26.91
N PRO A 7 8.89 16.77 25.87
CA PRO A 7 8.34 18.06 25.42
C PRO A 7 7.11 18.46 26.24
N THR A 8 6.58 19.63 25.92
CA THR A 8 5.37 20.17 26.56
C THR A 8 4.17 19.92 25.66
N PHE A 9 3.12 19.33 26.22
CA PHE A 9 1.88 19.02 25.51
C PHE A 9 0.83 20.11 25.73
N TYR A 10 -0.19 20.09 24.88
CA TYR A 10 -1.38 20.91 25.10
C TYR A 10 -2.61 20.15 24.60
N ARG A 11 -3.69 20.21 25.38
CA ARG A 11 -4.91 19.49 25.10
C ARG A 11 -5.92 20.41 24.41
N GLN A 12 -6.82 19.79 23.63
CA GLN A 12 -7.86 20.50 22.89
C GLN A 12 -8.84 19.47 22.34
N GLU A 13 -10.12 19.85 22.27
CA GLU A 13 -11.12 19.02 21.65
C GLU A 13 -11.20 19.32 20.15
N LEU A 14 -11.60 18.32 19.37
CA LEU A 14 -11.72 18.49 17.92
C LEU A 14 -12.71 17.45 17.38
N ASN A 15 -13.94 17.89 17.14
CA ASN A 15 -15.01 17.05 16.58
C ASN A 15 -15.24 15.82 17.47
N LYS A 16 -15.67 16.09 18.70
CA LYS A 16 -16.00 15.06 19.70
C LYS A 16 -14.80 14.17 20.03
N THR A 17 -13.59 14.70 19.87
CA THR A 17 -12.38 13.93 20.12
C THR A 17 -11.31 14.82 20.76
N ILE A 18 -10.58 14.26 21.74
CA ILE A 18 -9.55 14.98 22.49
C ILE A 18 -8.18 14.75 21.84
N TRP A 19 -7.33 15.77 21.84
CA TRP A 19 -6.02 15.73 21.19
C TRP A 19 -4.97 16.39 22.07
N GLU A 20 -3.99 15.62 22.53
CA GLU A 20 -2.88 16.08 23.37
C GLU A 20 -1.57 15.85 22.62
N VAL A 21 -1.01 16.91 22.06
CA VAL A 21 0.15 16.81 21.17
C VAL A 21 1.24 17.78 21.61
N PRO A 22 2.52 17.45 21.39
CA PRO A 22 3.62 18.41 21.52
C PRO A 22 3.26 19.82 21.04
N GLU A 23 3.63 20.85 21.82
CA GLU A 23 3.42 22.24 21.39
C GLU A 23 4.10 22.51 20.06
N ARG A 24 5.10 21.72 19.73
CA ARG A 24 5.78 21.87 18.45
C ARG A 24 4.83 21.70 17.26
N TYR A 25 3.74 20.96 17.43
CA TYR A 25 2.69 20.87 16.43
C TYR A 25 1.57 21.84 16.77
N GLN A 26 1.18 22.68 15.80
CA GLN A 26 0.15 23.68 16.04
C GLN A 26 -0.69 23.88 14.77
N ASN A 27 -1.82 24.58 14.94
CA ASN A 27 -2.80 24.85 13.88
C ASN A 27 -3.39 23.56 13.32
N LEU A 28 -3.88 22.70 14.21
CA LEU A 28 -4.44 21.42 13.80
C LEU A 28 -5.84 21.60 13.21
N SER A 29 -6.07 21.00 12.04
CA SER A 29 -7.33 21.11 11.30
C SER A 29 -7.70 19.74 10.73
N PRO A 30 -8.91 19.24 10.98
CA PRO A 30 -9.24 17.87 10.57
C PRO A 30 -9.34 17.74 9.05
N VAL A 31 -8.81 16.62 8.54
CA VAL A 31 -8.75 16.35 7.11
C VAL A 31 -9.44 15.02 6.81
N GLY A 32 -9.94 14.91 5.58
CA GLY A 32 -10.92 13.90 5.24
C GLY A 32 -12.23 14.28 5.90
N SER A 33 -13.22 13.44 5.68
CA SER A 33 -14.44 13.56 6.46
C SER A 33 -14.56 12.38 7.40
N GLY A 34 -13.47 12.16 8.14
CA GLY A 34 -13.27 10.97 8.91
C GLY A 34 -12.86 9.77 8.10
N ALA A 35 -12.78 9.88 6.77
CA ALA A 35 -12.46 8.73 5.93
C ALA A 35 -11.15 8.08 6.37
N TYR A 36 -10.10 8.89 6.57
CA TYR A 36 -8.81 8.39 7.02
C TYR A 36 -8.75 8.10 8.51
N GLY A 37 -9.86 8.26 9.23
CA GLY A 37 -9.81 8.12 10.66
C GLY A 37 -9.56 9.44 11.34
N SER A 38 -8.97 9.43 12.54
CA SER A 38 -8.67 10.65 13.29
C SER A 38 -7.33 11.18 12.80
N VAL A 39 -7.38 12.12 11.85
CA VAL A 39 -6.19 12.72 11.27
C VAL A 39 -6.40 14.23 11.19
N CYS A 40 -5.37 14.98 11.57
CA CYS A 40 -5.36 16.43 11.39
C CYS A 40 -4.15 16.86 10.58
N ALA A 41 -4.31 17.94 9.83
CA ALA A 41 -3.17 18.66 9.28
C ALA A 41 -2.57 19.56 10.35
N ALA A 42 -1.30 19.93 10.17
CA ALA A 42 -0.58 20.65 11.21
C ALA A 42 0.57 21.42 10.61
N PHE A 43 1.06 22.41 11.36
CA PHE A 43 2.32 23.08 11.07
C PHE A 43 3.35 22.58 12.07
N ASP A 44 4.48 22.11 11.56
CA ASP A 44 5.59 21.61 12.38
C ASP A 44 6.58 22.75 12.59
N THR A 45 6.60 23.33 13.79
CA THR A 45 7.51 24.45 14.06
C THR A 45 8.98 24.04 14.02
N LYS A 46 9.31 22.75 14.18
CA LYS A 46 10.71 22.37 14.05
C LYS A 46 11.21 22.57 12.62
N THR A 47 10.39 22.23 11.63
CA THR A 47 10.80 22.26 10.23
C THR A 47 10.16 23.38 9.42
N GLY A 48 8.98 23.86 9.79
CA GLY A 48 8.26 24.83 8.97
C GLY A 48 7.41 24.27 7.85
N HIS A 49 7.02 22.99 7.91
CA HIS A 49 6.27 22.33 6.86
C HIS A 49 4.95 21.81 7.41
N ARG A 50 3.99 21.64 6.51
CA ARG A 50 2.76 20.94 6.84
C ARG A 50 3.08 19.50 7.23
N VAL A 51 2.33 18.94 8.19
CA VAL A 51 2.38 17.51 8.52
C VAL A 51 0.97 16.97 8.72
N ALA A 52 0.89 15.65 8.84
CA ALA A 52 -0.37 14.97 9.15
C ALA A 52 -0.19 14.21 10.45
N VAL A 53 -1.06 14.47 11.40
CA VAL A 53 -1.03 13.81 12.70
C VAL A 53 -2.24 12.91 12.76
N LYS A 54 -2.01 11.62 13.01
CA LYS A 54 -3.07 10.64 13.15
C LYS A 54 -3.07 10.11 14.57
N LYS A 55 -4.22 10.15 15.22
CA LYS A 55 -4.39 9.56 16.53
C LYS A 55 -5.14 8.24 16.37
N LEU A 56 -4.48 7.13 16.72
CA LEU A 56 -5.12 5.82 16.57
C LEU A 56 -6.36 5.73 17.45
N SER A 57 -7.35 4.96 17.00
CA SER A 57 -8.58 4.77 17.75
C SER A 57 -8.55 3.42 18.45
N ARG A 58 -8.77 3.44 19.77
CA ARG A 58 -8.77 2.27 20.64
C ARG A 58 -7.60 1.32 20.30
N PRO A 59 -6.36 1.82 20.34
CA PRO A 59 -5.24 1.00 19.84
C PRO A 59 -5.03 -0.29 20.61
N PHE A 60 -5.41 -0.34 21.89
CA PHE A 60 -5.26 -1.53 22.73
C PHE A 60 -6.60 -1.95 23.31
N GLN A 61 -7.66 -1.86 22.51
CA GLN A 61 -8.98 -2.28 22.96
C GLN A 61 -9.07 -3.79 23.16
N SER A 62 -8.29 -4.54 22.39
CA SER A 62 -8.39 -5.99 22.36
C SER A 62 -7.00 -6.52 22.02
N ILE A 63 -6.83 -7.83 22.13
CA ILE A 63 -5.55 -8.43 21.72
C ILE A 63 -5.28 -8.13 20.25
N ILE A 64 -6.31 -8.24 19.41
CA ILE A 64 -6.10 -8.02 17.98
C ILE A 64 -5.75 -6.57 17.70
N HIS A 65 -6.45 -5.64 18.36
CA HIS A 65 -6.12 -4.24 18.16
C HIS A 65 -4.72 -3.93 18.67
N ALA A 66 -4.28 -4.57 19.75
CA ALA A 66 -2.93 -4.27 20.23
C ALA A 66 -1.90 -4.74 19.24
N LYS A 67 -2.10 -5.94 18.68
CA LYS A 67 -1.14 -6.45 17.73
C LYS A 67 -1.13 -5.61 16.45
N ARG A 68 -2.31 -5.23 15.96
CA ARG A 68 -2.36 -4.41 14.74
C ARG A 68 -1.68 -3.07 14.96
N THR A 69 -1.87 -2.49 16.15
CA THR A 69 -1.16 -1.26 16.47
C THR A 69 0.34 -1.47 16.43
N TYR A 70 0.82 -2.50 17.13
CA TYR A 70 2.25 -2.79 17.14
C TYR A 70 2.75 -3.04 15.72
N ARG A 71 1.99 -3.80 14.93
CA ARG A 71 2.40 -4.08 13.56
C ARG A 71 2.54 -2.78 12.76
N GLU A 72 1.54 -1.90 12.88
CA GLU A 72 1.58 -0.67 12.09
C GLU A 72 2.76 0.19 12.50
N LEU A 73 3.00 0.36 13.80
CA LEU A 73 4.18 1.09 14.25
C LEU A 73 5.48 0.45 13.75
N ARG A 74 5.59 -0.88 13.84
CA ARG A 74 6.84 -1.53 13.42
C ARG A 74 7.11 -1.32 11.94
N LEU A 75 6.08 -1.52 11.11
CA LEU A 75 6.23 -1.30 9.66
C LEU A 75 6.57 0.16 9.34
N LEU A 76 5.88 1.12 9.97
CA LEU A 76 6.17 2.52 9.67
C LEU A 76 7.60 2.90 10.07
N LYS A 77 8.08 2.40 11.20
CA LYS A 77 9.46 2.72 11.60
C LYS A 77 10.47 2.13 10.63
N HIS A 78 10.12 1.06 9.91
CA HIS A 78 11.08 0.45 9.02
C HIS A 78 11.22 1.19 7.69
N MET A 79 10.15 1.86 7.22
CA MET A 79 10.13 2.38 5.85
C MET A 79 11.01 3.62 5.70
N LYS A 80 12.06 3.53 4.87
CA LYS A 80 13.00 4.62 4.61
C LYS A 80 13.30 4.70 3.12
N HIS A 81 12.33 5.19 2.35
CA HIS A 81 12.42 5.19 0.90
C HIS A 81 11.56 6.32 0.36
N GLU A 82 12.02 6.93 -0.73
CA GLU A 82 11.31 8.08 -1.29
C GLU A 82 9.92 7.74 -1.80
N ASN A 83 9.65 6.50 -2.16
CA ASN A 83 8.36 6.15 -2.74
C ASN A 83 7.49 5.36 -1.78
N VAL A 84 7.84 5.37 -0.49
CA VAL A 84 7.08 4.70 0.56
C VAL A 84 6.85 5.70 1.68
N ILE A 85 5.63 5.70 2.23
CA ILE A 85 5.36 6.60 3.35
C ILE A 85 6.35 6.33 4.46
N GLY A 86 6.77 7.41 5.15
CA GLY A 86 7.71 7.30 6.22
C GLY A 86 7.18 7.96 7.48
N LEU A 87 7.77 7.60 8.60
CA LEU A 87 7.33 8.08 9.89
C LEU A 87 8.21 9.25 10.31
N LEU A 88 7.60 10.43 10.46
CA LEU A 88 8.41 11.58 10.88
C LEU A 88 8.40 11.76 12.39
N ASP A 89 7.38 11.26 13.08
CA ASP A 89 7.35 11.31 14.52
C ASP A 89 6.27 10.37 15.03
N VAL A 90 6.48 9.87 16.25
CA VAL A 90 5.48 9.10 16.98
C VAL A 90 5.60 9.47 18.44
N PHE A 91 4.48 9.69 19.09
CA PHE A 91 4.57 10.24 20.43
C PHE A 91 3.32 9.86 21.20
N THR A 92 3.42 9.99 22.50
CA THR A 92 2.28 9.76 23.37
C THR A 92 2.41 10.71 24.54
N PRO A 93 1.29 11.20 25.07
CA PRO A 93 1.37 12.10 26.22
C PRO A 93 1.78 11.38 27.49
N ALA A 94 1.73 10.05 27.52
CA ALA A 94 1.98 9.33 28.76
C ALA A 94 3.45 9.46 29.19
N ARG A 95 3.67 9.60 30.49
CA ARG A 95 5.02 9.69 31.03
C ARG A 95 5.59 8.34 31.44
N SER A 96 4.79 7.28 31.39
CA SER A 96 5.22 5.96 31.82
C SER A 96 4.26 4.92 31.23
N LEU A 97 4.71 3.67 31.23
CA LEU A 97 3.91 2.61 30.64
C LEU A 97 2.56 2.48 31.35
N GLU A 98 2.53 2.71 32.67
CA GLU A 98 1.30 2.47 33.42
C GLU A 98 0.16 3.37 32.96
N GLU A 99 0.48 4.53 32.37
CA GLU A 99 -0.56 5.44 31.88
C GLU A 99 -0.56 5.55 30.36
N PHE A 100 0.08 4.62 29.67
CA PHE A 100 0.15 4.61 28.21
C PHE A 100 -1.15 4.05 27.65
N ASN A 101 -1.85 4.84 26.84
CA ASN A 101 -3.03 4.28 26.20
C ASN A 101 -3.32 4.90 24.83
N ASP A 102 -2.71 6.02 24.51
CA ASP A 102 -2.94 6.67 23.22
C ASP A 102 -1.62 6.78 22.47
N VAL A 103 -1.72 6.69 21.14
CA VAL A 103 -0.58 6.66 20.24
C VAL A 103 -0.84 7.64 19.11
N TYR A 104 0.10 8.54 18.85
CA TYR A 104 -0.02 9.48 17.74
C TYR A 104 1.07 9.25 16.72
N LEU A 105 0.70 9.29 15.44
CA LEU A 105 1.64 9.14 14.35
C LEU A 105 1.70 10.43 13.56
N VAL A 106 2.89 10.76 13.05
CA VAL A 106 3.07 11.98 12.27
C VAL A 106 3.75 11.58 10.97
N THR A 107 3.14 11.95 9.85
CA THR A 107 3.67 11.70 8.51
C THR A 107 3.63 13.02 7.77
N HIS A 108 4.26 13.04 6.58
CA HIS A 108 4.02 14.16 5.67
C HIS A 108 2.53 14.27 5.38
N LEU A 109 2.12 15.48 5.02
CA LEU A 109 0.79 15.73 4.50
C LEU A 109 0.79 15.38 3.02
N MET A 110 0.10 14.30 2.67
CA MET A 110 0.06 13.85 1.29
C MET A 110 -0.88 14.71 0.47
N GLY A 111 -0.59 14.82 -0.83
CA GLY A 111 -1.23 15.85 -1.65
C GLY A 111 -2.62 15.55 -2.16
N ALA A 112 -2.77 14.39 -2.79
CA ALA A 112 -3.99 13.87 -3.40
C ALA A 112 -3.69 12.45 -3.81
N ASP A 113 -4.72 11.63 -3.93
CA ASP A 113 -4.45 10.25 -4.31
C ASP A 113 -4.62 10.09 -5.81
N LEU A 114 -4.29 8.89 -6.30
CA LEU A 114 -4.22 8.69 -7.75
C LEU A 114 -5.58 8.65 -8.41
N ASN A 115 -6.64 8.31 -7.68
CA ASN A 115 -7.97 8.50 -8.23
C ASN A 115 -8.22 9.97 -8.58
N ASN A 116 -7.64 10.90 -7.81
CA ASN A 116 -7.84 12.34 -7.99
C ASN A 116 -6.79 12.97 -8.89
N ILE A 117 -6.20 12.21 -9.81
CA ILE A 117 -5.21 12.77 -10.74
C ILE A 117 -5.54 12.28 -12.16
N GLN A 121 -10.08 11.79 -16.12
CA GLN A 121 -9.24 11.98 -17.30
C GLN A 121 -8.04 11.04 -17.29
N LYS A 122 -7.73 10.50 -18.45
CA LYS A 122 -6.55 9.66 -18.61
C LYS A 122 -5.28 10.53 -18.57
N LEU A 123 -4.17 9.91 -18.14
CA LEU A 123 -2.89 10.61 -18.12
C LEU A 123 -2.15 10.44 -19.46
N THR A 124 -1.16 11.28 -19.69
CA THR A 124 -0.24 11.05 -20.81
C THR A 124 0.55 9.78 -20.57
N ASP A 125 1.03 9.18 -21.66
CA ASP A 125 1.87 8.00 -21.52
C ASP A 125 3.13 8.30 -20.73
N ASP A 126 3.65 9.53 -20.84
CA ASP A 126 4.82 9.86 -20.05
C ASP A 126 4.48 9.98 -18.57
N HIS A 127 3.31 10.53 -18.24
CA HIS A 127 2.88 10.56 -16.84
C HIS A 127 2.72 9.15 -16.28
N VAL A 128 2.19 8.21 -17.09
CA VAL A 128 2.01 6.85 -16.58
C VAL A 128 3.37 6.23 -16.27
N GLN A 129 4.31 6.35 -17.22
CA GLN A 129 5.65 5.82 -16.99
C GLN A 129 6.22 6.26 -15.65
N PHE A 130 6.16 7.57 -15.35
CA PHE A 130 6.74 8.11 -14.13
C PHE A 130 6.03 7.55 -12.89
N LEU A 131 4.70 7.59 -12.88
CA LEU A 131 3.94 7.13 -11.73
C LEU A 131 4.12 5.65 -11.51
N ILE A 132 4.01 4.86 -12.58
CA ILE A 132 4.19 3.42 -12.40
C ILE A 132 5.63 3.12 -12.03
N TYR A 133 6.59 3.84 -12.63
CA TYR A 133 7.99 3.66 -12.26
C TYR A 133 8.17 3.83 -10.76
N GLN A 134 7.65 4.93 -10.22
CA GLN A 134 7.82 5.17 -8.79
C GLN A 134 7.16 4.08 -7.95
N ILE A 135 6.01 3.56 -8.40
CA ILE A 135 5.36 2.48 -7.63
C ILE A 135 6.23 1.24 -7.63
N LEU A 136 6.76 0.88 -8.81
CA LEU A 136 7.62 -0.29 -8.89
C LEU A 136 8.87 -0.13 -8.04
N ARG A 137 9.39 1.10 -7.97
CA ARG A 137 10.61 1.33 -7.22
C ARG A 137 10.36 1.16 -5.72
N GLY A 138 9.23 1.64 -5.21
CA GLY A 138 8.91 1.42 -3.81
C GLY A 138 8.53 -0.03 -3.53
N LEU A 139 7.91 -0.71 -4.51
CA LEU A 139 7.60 -2.13 -4.35
C LEU A 139 8.87 -2.98 -4.33
N LYS A 140 9.85 -2.66 -5.18
CA LYS A 140 11.12 -3.36 -5.10
C LYS A 140 11.69 -3.28 -3.69
N TYR A 141 11.54 -2.11 -3.07
CA TYR A 141 12.06 -1.88 -1.74
C TYR A 141 11.28 -2.67 -0.68
N ILE A 142 9.96 -2.52 -0.64
CA ILE A 142 9.27 -3.28 0.40
C ILE A 142 9.39 -4.77 0.15
N HIS A 143 9.25 -5.22 -1.10
CA HIS A 143 9.33 -6.66 -1.35
C HIS A 143 10.68 -7.23 -0.93
N SER A 144 11.76 -6.45 -1.08
CA SER A 144 13.08 -6.99 -0.72
C SER A 144 13.19 -7.25 0.77
N ALA A 145 12.28 -6.65 1.55
CA ALA A 145 12.19 -6.88 2.97
C ALA A 145 11.18 -7.96 3.34
N ASP A 146 10.71 -8.74 2.37
CA ASP A 146 9.64 -9.72 2.62
C ASP A 146 8.37 -9.07 3.12
N ILE A 147 8.08 -7.84 2.68
CA ILE A 147 6.86 -7.16 3.03
C ILE A 147 5.98 -7.10 1.79
N ILE A 148 4.76 -7.62 1.90
CA ILE A 148 3.80 -7.58 0.80
C ILE A 148 2.76 -6.53 1.14
N HIS A 149 2.46 -5.64 0.18
CA HIS A 149 1.48 -4.60 0.45
C HIS A 149 0.07 -5.19 0.56
N ARG A 150 -0.37 -5.90 -0.48
CA ARG A 150 -1.64 -6.66 -0.56
C ARG A 150 -2.89 -5.84 -0.81
N ASP A 151 -2.82 -4.52 -0.63
CA ASP A 151 -4.02 -3.72 -0.80
C ASP A 151 -3.75 -2.52 -1.70
N LEU A 152 -2.90 -2.71 -2.71
CA LEU A 152 -2.53 -1.61 -3.61
C LEU A 152 -3.73 -1.22 -4.45
N LYS A 153 -4.01 0.08 -4.51
CA LYS A 153 -5.11 0.61 -5.30
C LYS A 153 -5.00 2.12 -5.31
N PRO A 154 -5.65 2.81 -6.27
CA PRO A 154 -5.34 4.23 -6.47
C PRO A 154 -5.49 5.07 -5.20
N SER A 155 -6.41 4.70 -4.32
CA SER A 155 -6.59 5.49 -3.09
C SER A 155 -5.48 5.26 -2.07
N ASN A 156 -4.62 4.26 -2.28
CA ASN A 156 -3.47 4.07 -1.42
C ASN A 156 -2.18 4.61 -2.04
N LEU A 157 -2.28 5.40 -3.11
CA LEU A 157 -1.13 6.05 -3.75
C LEU A 157 -1.27 7.56 -3.59
N ALA A 158 -0.28 8.19 -2.95
CA ALA A 158 -0.25 9.63 -2.79
C ALA A 158 0.73 10.26 -3.78
N VAL A 159 0.33 11.39 -4.35
CA VAL A 159 1.14 12.07 -5.37
C VAL A 159 1.07 13.56 -5.13
N ASN A 160 2.21 14.23 -5.09
CA ASN A 160 2.18 15.68 -4.94
C ASN A 160 2.18 16.33 -6.32
N GLU A 161 2.36 17.65 -6.33
CA GLU A 161 2.24 18.42 -7.55
C GLU A 161 3.40 18.20 -8.51
N ASP A 162 4.56 17.80 -8.02
CA ASP A 162 5.65 17.35 -8.89
C ASP A 162 5.44 15.94 -9.41
N CYS A 163 4.26 15.35 -9.23
CA CYS A 163 3.99 13.94 -9.57
C CYS A 163 4.90 12.99 -8.83
N GLU A 164 5.47 13.42 -7.70
CA GLU A 164 6.20 12.51 -6.83
C GLU A 164 5.23 11.65 -6.03
N LEU A 165 5.48 10.35 -6.04
CA LEU A 165 4.53 9.35 -5.56
C LEU A 165 5.05 8.63 -4.33
N LYS A 166 4.15 8.36 -3.39
CA LYS A 166 4.46 7.51 -2.25
C LYS A 166 3.34 6.48 -2.09
N ILE A 167 3.74 5.25 -1.80
CA ILE A 167 2.85 4.14 -1.43
C ILE A 167 2.48 4.25 0.03
N LEU A 168 1.21 4.04 0.36
CA LEU A 168 0.84 3.94 1.77
C LEU A 168 -0.32 2.96 1.91
N ASP A 169 -0.89 2.89 3.10
CA ASP A 169 -2.10 2.07 3.32
C ASP A 169 -2.96 2.75 4.37
N PHE A 170 -3.99 3.48 3.92
CA PHE A 170 -4.88 4.17 4.84
C PHE A 170 -5.77 3.23 5.62
N GLY A 171 -6.00 2.00 5.13
CA GLY A 171 -6.93 1.12 5.82
C GLY A 171 -8.38 1.48 5.62
N LEU A 172 -9.20 1.38 6.67
CA LEU A 172 -10.67 1.46 6.61
C LEU A 172 -11.24 0.64 5.46
N ALA A 185 -13.31 -0.12 -4.60
CA ALA A 185 -13.25 -1.43 -3.96
C ALA A 185 -11.89 -2.10 -4.13
N THR A 186 -11.37 -2.69 -3.05
CA THR A 186 -10.15 -3.47 -3.13
C THR A 186 -10.25 -4.60 -4.17
N ARG A 187 -11.42 -5.22 -4.32
CA ARG A 187 -11.50 -6.44 -5.13
C ARG A 187 -11.15 -6.17 -6.59
N TRP A 188 -11.41 -4.96 -7.08
CA TRP A 188 -11.09 -4.66 -8.46
C TRP A 188 -9.60 -4.76 -8.75
N TYR A 189 -8.74 -4.62 -7.74
CA TYR A 189 -7.30 -4.61 -7.94
C TYR A 189 -6.65 -5.90 -7.45
N ARG A 190 -7.42 -6.88 -7.03
CA ARG A 190 -6.84 -7.97 -6.26
C ARG A 190 -6.38 -9.11 -7.18
N ALA A 191 -5.17 -9.62 -6.92
CA ALA A 191 -4.71 -10.80 -7.64
C ALA A 191 -5.75 -11.91 -7.54
N PRO A 192 -5.95 -12.68 -8.61
CA PRO A 192 -6.93 -13.77 -8.56
C PRO A 192 -6.52 -14.91 -7.64
N GLU A 193 -5.23 -15.21 -7.47
CA GLU A 193 -4.87 -16.34 -6.61
C GLU A 193 -5.30 -16.08 -5.16
N ILE A 194 -5.10 -14.87 -4.66
CA ILE A 194 -5.60 -14.53 -3.33
C ILE A 194 -6.99 -13.91 -3.46
N MET A 195 -7.88 -14.61 -4.17
CA MET A 195 -9.32 -14.35 -4.10
C MET A 195 -10.05 -15.67 -4.30
N LEU A 196 -9.39 -16.77 -3.97
CA LEU A 196 -9.83 -18.11 -4.31
C LEU A 196 -8.90 -19.04 -3.52
N ASN A 197 -7.86 -18.43 -2.97
CA ASN A 197 -6.92 -19.05 -2.03
C ASN A 197 -6.15 -20.21 -2.65
N TRP A 198 -6.00 -20.24 -3.99
CA TRP A 198 -5.12 -21.23 -4.61
C TRP A 198 -3.80 -20.59 -5.03
N ASN A 202 2.45 -15.23 -3.44
CA ASN A 202 3.72 -14.55 -3.17
C ASN A 202 3.65 -13.03 -3.37
N GLN A 203 4.84 -12.39 -3.44
CA GLN A 203 4.93 -10.94 -3.54
C GLN A 203 4.25 -10.40 -4.79
N THR A 204 4.19 -11.20 -5.85
CA THR A 204 3.69 -10.67 -7.10
C THR A 204 2.18 -10.44 -7.08
N VAL A 205 1.49 -10.72 -5.97
CA VAL A 205 0.11 -10.25 -5.87
C VAL A 205 0.10 -8.74 -6.00
N ASP A 206 1.16 -8.07 -5.55
CA ASP A 206 1.24 -6.63 -5.67
C ASP A 206 1.40 -6.22 -7.12
N ILE A 207 2.14 -7.02 -7.90
CA ILE A 207 2.36 -6.70 -9.31
C ILE A 207 1.05 -6.79 -10.07
N TRP A 208 0.22 -7.77 -9.74
CA TRP A 208 -1.09 -7.83 -10.37
C TRP A 208 -1.84 -6.53 -10.18
N SER A 209 -1.80 -5.98 -8.97
CA SER A 209 -2.52 -4.75 -8.69
C SER A 209 -1.93 -3.58 -9.47
N VAL A 210 -0.60 -3.48 -9.53
CA VAL A 210 0.01 -2.48 -10.40
C VAL A 210 -0.51 -2.60 -11.82
N GLY A 211 -0.62 -3.84 -12.33
CA GLY A 211 -1.14 -4.00 -13.67
C GLY A 211 -2.50 -3.34 -13.80
N CYS A 212 -3.39 -3.58 -12.83
CA CYS A 212 -4.73 -3.01 -12.89
C CYS A 212 -4.70 -1.49 -12.80
N ILE A 213 -3.86 -0.96 -11.92
CA ILE A 213 -3.73 0.49 -11.79
C ILE A 213 -3.20 1.09 -13.10
N MET A 214 -2.07 0.54 -13.60
CA MET A 214 -1.48 1.07 -14.84
C MET A 214 -2.51 1.09 -15.97
N ALA A 215 -3.26 0.00 -16.13
CA ALA A 215 -4.28 -0.03 -17.18
C ALA A 215 -5.27 1.10 -17.00
N GLU A 216 -5.70 1.35 -15.76
CA GLU A 216 -6.69 2.38 -15.51
C GLU A 216 -6.14 3.77 -15.88
N LEU A 217 -4.87 4.05 -15.54
CA LEU A 217 -4.27 5.34 -15.89
C LEU A 217 -4.23 5.53 -17.40
N LEU A 218 -3.93 4.47 -18.15
CA LEU A 218 -3.87 4.53 -19.60
C LEU A 218 -5.23 4.77 -20.22
N THR A 219 -6.24 3.99 -19.80
CA THR A 219 -7.52 3.98 -20.48
C THR A 219 -8.53 4.94 -19.87
N GLY A 220 -8.32 5.32 -18.61
CA GLY A 220 -9.33 6.09 -17.91
C GLY A 220 -10.47 5.28 -17.33
N ARG A 221 -10.36 3.94 -17.28
CA ARG A 221 -11.44 3.07 -16.87
C ARG A 221 -10.93 1.98 -15.95
N THR A 222 -11.73 1.65 -14.95
CA THR A 222 -11.41 0.51 -14.12
C THR A 222 -11.36 -0.73 -15.00
N LEU A 223 -10.27 -1.49 -14.89
CA LEU A 223 -10.07 -2.57 -15.84
C LEU A 223 -11.02 -3.72 -15.55
N PHE A 224 -11.20 -4.04 -14.27
CA PHE A 224 -11.98 -5.20 -13.81
C PHE A 224 -12.99 -4.76 -12.75
N PRO A 225 -13.98 -3.96 -13.12
CA PRO A 225 -14.94 -3.44 -12.13
C PRO A 225 -15.96 -4.48 -11.67
N GLY A 226 -15.47 -5.54 -11.05
CA GLY A 226 -16.36 -6.62 -10.65
C GLY A 226 -17.28 -6.22 -9.50
N THR A 227 -18.50 -6.75 -9.54
CA THR A 227 -19.51 -6.47 -8.52
C THR A 227 -19.38 -7.34 -7.28
N ASP A 228 -18.73 -8.49 -7.40
CA ASP A 228 -18.43 -9.34 -6.26
C ASP A 228 -17.28 -10.26 -6.67
N HIS A 229 -17.07 -11.34 -5.93
CA HIS A 229 -15.90 -12.15 -6.20
C HIS A 229 -16.05 -13.04 -7.44
N ILE A 230 -17.25 -13.59 -7.69
CA ILE A 230 -17.42 -14.47 -8.85
C ILE A 230 -17.43 -13.67 -10.14
N ASP A 231 -18.12 -12.53 -10.14
CA ASP A 231 -18.08 -11.60 -11.24
C ASP A 231 -16.68 -11.01 -11.47
N GLN A 232 -15.94 -10.73 -10.40
CA GLN A 232 -14.57 -10.24 -10.54
C GLN A 232 -13.70 -11.25 -11.29
N LEU A 233 -13.83 -12.52 -10.91
CA LEU A 233 -13.07 -13.57 -11.60
C LEU A 233 -13.54 -13.71 -13.04
N LYS A 234 -14.85 -13.60 -13.29
CA LYS A 234 -15.35 -13.70 -14.65
C LYS A 234 -14.72 -12.63 -15.55
N LEU A 235 -14.70 -11.39 -15.08
CA LEU A 235 -14.08 -10.31 -15.85
C LEU A 235 -12.59 -10.58 -16.07
N ILE A 236 -11.88 -11.08 -15.06
CA ILE A 236 -10.44 -11.29 -15.21
C ILE A 236 -10.16 -12.32 -16.29
N LEU A 237 -10.86 -13.46 -16.24
CA LEU A 237 -10.56 -14.52 -17.21
C LEU A 237 -11.01 -14.14 -18.61
N ARG A 238 -11.99 -13.25 -18.76
CA ARG A 238 -12.36 -12.83 -20.11
C ARG A 238 -11.19 -12.17 -20.83
N LEU A 239 -10.32 -11.49 -20.07
CA LEU A 239 -9.13 -10.88 -20.64
C LEU A 239 -7.99 -11.89 -20.76
N VAL A 240 -7.65 -12.54 -19.63
CA VAL A 240 -6.42 -13.32 -19.58
C VAL A 240 -6.62 -14.79 -19.93
N GLY A 241 -7.86 -15.23 -20.09
CA GLY A 241 -8.14 -16.60 -20.49
C GLY A 241 -8.23 -17.54 -19.31
N THR A 242 -8.92 -18.66 -19.53
CA THR A 242 -9.05 -19.68 -18.49
C THR A 242 -7.71 -20.41 -18.33
N PRO A 243 -7.35 -20.78 -17.10
CA PRO A 243 -6.07 -21.46 -16.86
C PRO A 243 -5.87 -22.68 -17.75
N GLY A 244 -4.61 -22.90 -18.14
CA GLY A 244 -4.23 -24.09 -18.87
C GLY A 244 -3.80 -25.21 -17.93
N ALA A 245 -3.37 -26.32 -18.53
CA ALA A 245 -2.95 -27.45 -17.73
C ALA A 245 -1.65 -27.15 -16.98
N GLU A 246 -0.76 -26.32 -17.56
CA GLU A 246 0.44 -25.91 -16.86
C GLU A 246 0.09 -25.26 -15.52
N LEU A 247 -0.85 -24.32 -15.53
CA LEU A 247 -1.30 -23.71 -14.29
C LEU A 247 -2.25 -24.63 -13.53
N LEU A 248 -3.04 -25.45 -14.23
CA LEU A 248 -3.89 -26.41 -13.55
C LEU A 248 -3.10 -27.39 -12.71
N LYS A 249 -1.91 -27.76 -13.17
CA LYS A 249 -1.09 -28.71 -12.43
C LYS A 249 -0.61 -28.17 -11.09
N LYS A 250 -0.81 -26.88 -10.83
CA LYS A 250 -0.32 -26.24 -9.61
C LYS A 250 -1.43 -25.80 -8.66
N ILE A 251 -2.69 -26.05 -9.00
CA ILE A 251 -3.79 -25.83 -8.05
C ILE A 251 -3.90 -27.05 -7.13
N SER A 252 -3.70 -26.84 -5.83
CA SER A 252 -3.88 -27.91 -4.87
C SER A 252 -5.31 -27.99 -4.35
N SER A 253 -5.93 -26.83 -4.12
CA SER A 253 -7.33 -26.75 -3.74
C SER A 253 -8.21 -27.48 -4.75
N GLU A 254 -8.78 -28.64 -4.36
CA GLU A 254 -9.54 -29.46 -5.29
C GLU A 254 -10.84 -28.76 -5.72
N SER A 255 -11.48 -28.04 -4.80
CA SER A 255 -12.68 -27.29 -5.17
C SER A 255 -12.35 -26.20 -6.18
N ALA A 256 -11.20 -25.55 -6.01
CA ALA A 256 -10.79 -24.53 -6.96
C ALA A 256 -10.60 -25.12 -8.36
N ARG A 257 -9.97 -26.29 -8.46
CA ARG A 257 -9.73 -26.91 -9.76
C ARG A 257 -11.05 -27.23 -10.46
N ASN A 258 -11.98 -27.84 -9.73
CA ASN A 258 -13.26 -28.23 -10.32
C ASN A 258 -13.97 -27.00 -10.88
N TYR A 259 -14.05 -25.93 -10.08
CA TYR A 259 -14.70 -24.70 -10.54
C TYR A 259 -14.14 -24.22 -11.87
N ILE A 260 -12.82 -23.99 -11.90
CA ILE A 260 -12.19 -23.42 -13.10
C ILE A 260 -12.41 -24.32 -14.29
N GLN A 261 -12.34 -25.64 -14.10
CA GLN A 261 -12.55 -26.54 -15.22
C GLN A 261 -14.02 -26.64 -15.63
N SER A 262 -14.96 -26.19 -14.78
CA SER A 262 -16.36 -26.20 -15.16
C SER A 262 -16.76 -24.97 -15.99
N LEU A 263 -16.08 -23.84 -15.79
CA LEU A 263 -16.43 -22.62 -16.49
C LEU A 263 -16.15 -22.76 -17.99
N ALA A 264 -16.82 -21.92 -18.78
CA ALA A 264 -16.63 -21.96 -20.23
C ALA A 264 -15.21 -21.54 -20.57
N GLN A 265 -14.51 -22.40 -21.31
CA GLN A 265 -13.13 -22.13 -21.72
C GLN A 265 -13.04 -20.83 -22.53
N MET A 266 -12.45 -19.78 -21.94
CA MET A 266 -12.36 -18.53 -22.66
C MET A 266 -10.92 -18.23 -23.08
N PRO A 267 -10.72 -17.74 -24.31
CA PRO A 267 -9.36 -17.58 -24.82
C PRO A 267 -8.67 -16.39 -24.21
N LYS A 268 -7.35 -16.51 -24.06
CA LYS A 268 -6.54 -15.36 -23.71
C LYS A 268 -6.70 -14.30 -24.80
N MET A 269 -6.95 -13.07 -24.38
CA MET A 269 -7.04 -12.01 -25.36
C MET A 269 -5.64 -11.47 -25.65
N ASN A 270 -5.49 -10.88 -26.82
CA ASN A 270 -4.25 -10.20 -27.16
C ASN A 270 -4.41 -8.75 -26.72
N PHE A 271 -3.51 -8.31 -25.83
CA PHE A 271 -3.69 -7.01 -25.18
C PHE A 271 -3.63 -5.86 -26.17
N ALA A 272 -2.94 -6.01 -27.30
CA ALA A 272 -2.95 -4.97 -28.32
C ALA A 272 -4.35 -4.69 -28.85
N ASN A 273 -5.22 -5.70 -28.92
CA ASN A 273 -6.58 -5.45 -29.36
C ASN A 273 -7.45 -4.84 -28.26
N VAL A 274 -6.95 -4.74 -27.03
CA VAL A 274 -7.75 -4.23 -25.93
C VAL A 274 -7.29 -2.85 -25.50
N PHE A 275 -5.97 -2.63 -25.46
CA PHE A 275 -5.40 -1.31 -25.21
C PHE A 275 -5.00 -0.66 -26.52
N ILE A 276 -5.96 -0.60 -27.46
CA ILE A 276 -5.69 -0.10 -28.80
C ILE A 276 -5.15 1.32 -28.71
N GLY A 277 -4.11 1.60 -29.50
CA GLY A 277 -3.49 2.90 -29.54
C GLY A 277 -2.52 3.19 -28.41
N ALA A 278 -2.39 2.30 -27.42
CA ALA A 278 -1.46 2.60 -26.34
C ALA A 278 -0.02 2.27 -26.75
N ASN A 279 0.93 2.90 -26.07
CA ASN A 279 2.34 2.64 -26.29
C ASN A 279 2.61 1.14 -26.22
N PRO A 280 3.10 0.52 -27.29
CA PRO A 280 3.31 -0.95 -27.28
C PRO A 280 4.29 -1.43 -26.25
N LEU A 281 5.15 -0.55 -25.72
CA LEU A 281 5.91 -0.96 -24.55
C LEU A 281 5.00 -1.09 -23.34
N ALA A 282 4.04 -0.15 -23.19
CA ALA A 282 3.08 -0.25 -22.11
C ALA A 282 2.26 -1.53 -22.21
N VAL A 283 1.84 -1.88 -23.43
CA VAL A 283 1.04 -3.10 -23.61
C VAL A 283 1.86 -4.33 -23.22
N ASP A 284 3.10 -4.39 -23.72
CA ASP A 284 3.97 -5.53 -23.44
C ASP A 284 4.22 -5.68 -21.95
N LEU A 285 4.35 -4.57 -21.23
CA LEU A 285 4.49 -4.66 -19.79
C LEU A 285 3.21 -5.17 -19.13
N LEU A 286 2.06 -4.71 -19.62
CA LEU A 286 0.80 -5.22 -19.08
C LEU A 286 0.70 -6.73 -19.27
N GLU A 287 1.13 -7.24 -20.42
CA GLU A 287 1.14 -8.68 -20.64
C GLU A 287 2.00 -9.40 -19.62
N LYS A 288 3.05 -8.74 -19.10
CA LYS A 288 3.96 -9.40 -18.18
C LYS A 288 3.52 -9.29 -16.72
N MET A 289 2.66 -8.33 -16.41
CA MET A 289 2.12 -8.16 -15.07
C MET A 289 0.82 -8.93 -14.86
N LEU A 290 -0.03 -8.96 -15.88
CA LEU A 290 -1.38 -9.48 -15.71
C LEU A 290 -1.46 -10.90 -16.23
N VAL A 291 -0.54 -11.76 -15.77
CA VAL A 291 -0.54 -13.18 -16.07
C VAL A 291 -1.10 -13.95 -14.88
N LEU A 292 -1.86 -15.00 -15.17
CA LEU A 292 -2.60 -15.70 -14.14
C LEU A 292 -1.67 -16.48 -13.24
N ASP A 293 -0.70 -17.17 -13.83
CA ASP A 293 0.26 -17.95 -13.09
C ASP A 293 1.20 -17.02 -12.33
N SER A 294 1.16 -17.10 -11.00
CA SER A 294 1.96 -16.17 -10.21
C SER A 294 3.44 -16.46 -10.32
N ASP A 295 3.82 -17.69 -10.70
CA ASP A 295 5.24 -17.97 -10.90
C ASP A 295 5.80 -17.30 -12.16
N LYS A 296 4.95 -16.93 -13.12
CA LYS A 296 5.41 -16.32 -14.36
C LYS A 296 5.26 -14.81 -14.37
N ARG A 297 4.65 -14.23 -13.33
CA ARG A 297 4.39 -12.80 -13.30
C ARG A 297 5.70 -12.04 -13.09
N ILE A 298 5.86 -10.90 -13.77
CA ILE A 298 7.10 -10.14 -13.63
C ILE A 298 7.22 -9.61 -12.20
N THR A 299 8.45 -9.57 -11.67
CA THR A 299 8.65 -8.95 -10.36
C THR A 299 8.87 -7.44 -10.47
N ALA A 300 8.88 -6.78 -9.30
CA ALA A 300 9.13 -5.33 -9.28
C ALA A 300 10.49 -4.99 -9.84
N ALA A 301 11.52 -5.76 -9.45
CA ALA A 301 12.88 -5.49 -9.92
C ALA A 301 13.04 -5.77 -11.40
N GLN A 302 12.50 -6.87 -11.90
CA GLN A 302 12.57 -7.11 -13.34
C GLN A 302 11.84 -6.00 -14.10
N ALA A 303 10.69 -5.57 -13.58
CA ALA A 303 9.89 -4.57 -14.29
C ALA A 303 10.63 -3.25 -14.41
N LEU A 304 11.39 -2.88 -13.39
CA LEU A 304 12.15 -1.65 -13.47
C LEU A 304 13.08 -1.64 -14.67
N ALA A 305 13.49 -2.80 -15.16
CA ALA A 305 14.36 -2.87 -16.31
C ALA A 305 13.59 -2.99 -17.61
N HIS A 306 12.26 -3.07 -17.57
CA HIS A 306 11.51 -3.11 -18.81
C HIS A 306 11.82 -1.86 -19.63
N ALA A 307 11.86 -2.03 -20.95
CA ALA A 307 12.18 -0.89 -21.82
C ALA A 307 11.20 0.28 -21.63
N TYR A 308 9.99 0.02 -21.17
CA TYR A 308 9.00 1.08 -21.02
C TYR A 308 9.48 2.18 -20.08
N PHE A 309 10.31 1.87 -19.09
CA PHE A 309 10.84 2.85 -18.17
C PHE A 309 12.24 3.32 -18.55
N ALA A 310 12.60 3.20 -19.83
CA ALA A 310 13.97 3.47 -20.25
C ALA A 310 14.46 4.83 -19.81
N GLN A 311 13.56 5.81 -19.67
CA GLN A 311 14.04 7.15 -19.41
C GLN A 311 14.02 7.49 -17.93
N TYR A 312 13.50 6.59 -17.07
CA TYR A 312 13.63 6.79 -15.64
C TYR A 312 14.49 5.74 -14.94
N HIS A 313 14.67 4.57 -15.56
CA HIS A 313 15.45 3.49 -14.97
C HIS A 313 16.84 3.96 -14.54
N ASP A 314 17.17 3.78 -13.26
CA ASP A 314 18.54 3.96 -12.79
C ASP A 314 18.90 2.83 -11.81
N PRO A 315 19.54 1.78 -12.31
CA PRO A 315 19.85 0.62 -11.44
C PRO A 315 20.75 0.97 -10.27
N ASP A 316 21.49 2.09 -10.33
CA ASP A 316 22.26 2.54 -9.18
C ASP A 316 21.44 3.34 -8.15
N ASP A 317 20.15 3.61 -8.41
CA ASP A 317 19.33 4.40 -7.48
C ASP A 317 17.94 3.77 -7.32
N GLU A 318 17.92 2.43 -7.23
CA GLU A 318 16.72 1.65 -6.94
C GLU A 318 17.05 0.70 -5.79
N PRO A 319 17.22 1.26 -4.59
CA PRO A 319 17.77 0.47 -3.46
C PRO A 319 16.81 -0.56 -2.89
N VAL A 320 17.39 -1.50 -2.15
CA VAL A 320 16.63 -2.47 -1.40
C VAL A 320 16.60 -2.00 0.06
N ALA A 321 15.86 -2.73 0.90
CA ALA A 321 15.65 -2.37 2.30
C ALA A 321 16.49 -3.23 3.24
N ASP A 322 16.80 -2.66 4.40
CA ASP A 322 17.33 -3.47 5.49
C ASP A 322 16.37 -4.60 5.81
N PRO A 323 16.89 -5.73 6.33
CA PRO A 323 16.01 -6.84 6.73
C PRO A 323 14.98 -6.41 7.76
N TYR A 324 13.81 -7.02 7.68
CA TYR A 324 12.69 -6.69 8.56
C TYR A 324 12.33 -7.92 9.37
N ASP A 325 12.50 -7.83 10.69
CA ASP A 325 12.19 -8.94 11.59
C ASP A 325 10.69 -8.95 11.85
N GLN A 326 9.97 -9.84 11.14
CA GLN A 326 8.55 -10.01 11.41
C GLN A 326 8.23 -11.30 12.17
N SER A 327 9.18 -11.81 12.95
CA SER A 327 8.90 -13.02 13.73
C SER A 327 7.73 -12.83 14.69
N PHE A 328 7.46 -11.59 15.13
CA PHE A 328 6.39 -11.35 16.10
C PHE A 328 5.04 -11.81 15.58
N GLU A 329 4.86 -11.87 14.25
CA GLU A 329 3.55 -12.12 13.66
C GLU A 329 3.02 -13.50 14.02
N SER A 330 3.92 -14.44 14.31
CA SER A 330 3.52 -15.78 14.71
C SER A 330 3.40 -15.93 16.23
N ARG A 331 3.39 -14.83 16.98
CA ARG A 331 3.31 -14.88 18.43
C ARG A 331 1.89 -14.63 18.93
N ASP A 332 1.51 -15.32 20.02
CA ASP A 332 0.25 -15.12 20.73
C ASP A 332 0.57 -14.54 22.11
N LEU A 333 0.30 -13.26 22.30
CA LEU A 333 0.64 -12.54 23.52
C LEU A 333 -0.61 -11.88 24.09
N LEU A 334 -0.54 -11.51 25.36
CA LEU A 334 -1.70 -10.85 25.93
C LEU A 334 -1.70 -9.36 25.54
N ILE A 335 -2.86 -8.74 25.77
CA ILE A 335 -3.07 -7.36 25.36
C ILE A 335 -2.02 -6.45 25.97
N ASP A 336 -1.65 -6.68 27.24
CA ASP A 336 -0.72 -5.78 27.89
C ASP A 336 0.71 -5.98 27.40
N GLU A 337 1.02 -7.17 26.90
CA GLU A 337 2.36 -7.38 26.35
C GLU A 337 2.50 -6.67 25.01
N TRP A 338 1.48 -6.80 24.14
CA TRP A 338 1.55 -6.06 22.89
C TRP A 338 1.63 -4.57 23.15
N LYS A 339 0.93 -4.10 24.20
CA LYS A 339 0.99 -2.68 24.53
C LYS A 339 2.39 -2.28 24.98
N SER A 340 3.01 -3.09 25.84
CA SER A 340 4.37 -2.82 26.27
C SER A 340 5.33 -2.74 25.08
N LEU A 341 5.19 -3.66 24.13
CA LEU A 341 6.11 -3.65 23.00
C LEU A 341 5.89 -2.42 22.15
N THR A 342 4.64 -2.02 21.99
CA THR A 342 4.37 -0.78 21.28
C THR A 342 5.04 0.39 21.99
N TYR A 343 5.03 0.35 23.34
CA TYR A 343 5.63 1.42 24.14
C TYR A 343 7.14 1.44 23.93
N ASP A 344 7.77 0.26 23.89
CA ASP A 344 9.18 0.18 23.53
C ASP A 344 9.48 0.90 22.22
N GLU A 345 8.70 0.59 21.19
CA GLU A 345 8.95 1.16 19.88
C GLU A 345 8.73 2.67 19.85
N VAL A 346 7.83 3.18 20.70
CA VAL A 346 7.64 4.62 20.80
C VAL A 346 8.88 5.27 21.40
N ILE A 347 9.38 4.72 22.50
CA ILE A 347 10.54 5.29 23.18
C ILE A 347 11.80 5.18 22.32
N SER A 348 12.02 4.02 21.73
CA SER A 348 13.25 3.78 20.97
C SER A 348 13.31 4.57 19.68
N PHE A 349 12.26 5.31 19.35
CA PHE A 349 12.17 5.94 18.04
C PHE A 349 13.20 7.06 17.93
N VAL A 350 13.96 7.04 16.86
CA VAL A 350 14.93 8.10 16.57
C VAL A 350 14.42 8.89 15.38
N PRO A 351 14.25 10.20 15.50
CA PRO A 351 13.66 10.98 14.41
C PRO A 351 14.65 11.12 13.26
N PRO A 352 14.17 11.21 12.03
CA PRO A 352 15.08 11.32 10.90
C PRO A 352 15.45 12.76 10.63
N PRO A 353 16.54 13.00 9.88
CA PRO A 353 16.99 14.24 9.26
C PRO A 353 15.86 15.15 8.76
N1 TK5 B . -1.57 0.49 7.28
C7 TK5 B . -4.71 -1.64 7.13
C8 TK5 B . -3.88 -0.36 7.30
N2 TK5 B . -2.94 -2.82 8.53
C9 TK5 B . 2.06 1.51 7.06
O1 TK5 B . -0.85 -3.75 7.61
C1 TK5 B . 0.54 1.65 6.91
C5 TK5 B . -2.98 -4.48 6.35
C6 TK5 B . -4.38 -2.65 8.22
N3 TK5 B . -1.15 10.30 7.55
C4 TK5 B . -2.23 -1.54 8.71
O4 TK5 B . -3.37 9.95 7.37
C3 TK5 B . -2.42 -0.70 7.46
O3 TK5 B . 0.29 -0.26 8.34
C2 TK5 B . -0.27 0.53 7.58
N4 TK5 B . -4.82 11.59 5.43
C24 TK5 B . -2.35 10.53 7.00
C25 TK5 B . -2.38 11.50 5.87
C33 TK5 B . -1.33 12.16 5.21
N6 TK5 B . -1.77 12.93 4.22
N5 TK5 B . -3.15 12.76 4.23
C27 TK5 B . -3.92 13.46 3.26
C32 TK5 B . -4.80 14.45 3.65
C31 TK5 B . -5.53 15.15 2.70
C30 TK5 B . -5.39 14.85 1.36
C29 TK5 B . -4.52 13.84 0.96
C28 TK5 B . -3.79 13.14 1.91
C26 TK5 B . -3.54 11.92 5.21
C23 TK5 B . -0.99 9.34 8.64
C22 TK5 B . -0.78 7.93 8.14
C19 TK5 B . -0.32 6.93 8.99
C18 TK5 B . -0.08 5.65 8.52
C21 TK5 B . -1.01 7.61 6.81
C20 TK5 B . -0.76 6.33 6.33
C17 TK5 B . -0.28 5.34 7.18
C TK5 B . 0.09 4.00 6.60
O TK5 B . 0.36 3.89 5.40
N TK5 B . 0.11 2.94 7.41
C10 TK5 B . 2.75 0.29 6.46
C11 TK5 B . 2.57 0.09 4.95
C16 TK5 B . 3.23 -1.22 4.50
C15 TK5 B . 3.26 -1.40 2.98
C14 TK5 B . 3.90 -0.21 2.30
C13 TK5 B . 3.16 1.06 2.66
C12 TK5 B . 3.15 1.27 4.17
S TK5 B . -2.20 -4.13 7.88
O2 TK5 B . -2.43 -5.23 8.75
#